data_5W2I
#
_entry.id   5W2I
#
_cell.length_a   78.090
_cell.length_b   78.090
_cell.length_c   86.320
_cell.angle_alpha   90.00
_cell.angle_beta   90.00
_cell.angle_gamma   90.00
#
_symmetry.space_group_name_H-M   'P 42 21 2'
#
loop_
_entity.id
_entity.type
_entity.pdbx_description
1 polymer 'Inositol polyphosphate multikinase,Inositol polyphosphate multikinase'
2 non-polymer 'MAGNESIUM ION'
3 non-polymer "ADENOSINE-5'-DIPHOSPHATE"
4 non-polymer D-MYO-INOSITOL-1,4,5-TRIPHOSPHATE
5 water water
#
_entity_poly.entity_id   1
_entity_poly.type   'polypeptide(L)'
_entity_poly.pdbx_seq_one_letter_code
;GSFTSHQVAGHMYGKILQHPDGTVLKQLQPPPRGPRELEFYNMVYAADCFDGVLLELRKYLPKYYGIWSPPTAPNDLYLK
LEDVTHKFNKPCIMDVKIGQKSYDPFASSEKIQQQVSKYPLMEEIGFLVLGMRVYHVHSDSYETENQHYGRSLTKETIKD
GVSRFFHNGYCLRKDAVAASIQKIEKILQWFENQKQLNFYASSLLFVYEGSSQGGSGGEVEVRMIDFAHVFPSNTIDEGY
VYGLKHLISVLRSILDN
;
_entity_poly.pdbx_strand_id   A
#
loop_
_chem_comp.id
_chem_comp.type
_chem_comp.name
_chem_comp.formula
ADP non-polymer ADENOSINE-5'-DIPHOSPHATE 'C10 H15 N5 O10 P2'
I3P non-polymer D-MYO-INOSITOL-1,4,5-TRIPHOSPHATE 'C6 H15 O15 P3'
MG non-polymer 'MAGNESIUM ION' 'Mg 2'
#
# COMPACT_ATOMS: atom_id res chain seq x y z
N ILE A 16 1.66 7.20 -13.23
CA ILE A 16 0.40 6.41 -13.17
C ILE A 16 -0.66 7.08 -14.04
N LEU A 17 -1.11 6.38 -15.08
CA LEU A 17 -2.15 6.89 -15.97
C LEU A 17 -3.44 6.12 -15.69
N GLN A 18 -4.51 6.86 -15.42
CA GLN A 18 -5.81 6.26 -15.14
C GLN A 18 -6.59 6.15 -16.45
N HIS A 19 -7.05 4.94 -16.74
CA HIS A 19 -7.73 4.66 -17.99
C HIS A 19 -9.23 4.37 -17.74
N PRO A 20 -10.12 4.93 -18.57
CA PRO A 20 -11.57 4.66 -18.44
C PRO A 20 -12.04 3.19 -18.36
N ASP A 21 -11.24 2.20 -18.81
CA ASP A 21 -11.68 0.78 -18.76
C ASP A 21 -11.58 0.14 -17.35
N GLY A 22 -11.33 0.94 -16.32
CA GLY A 22 -11.20 0.42 -14.98
C GLY A 22 -9.80 -0.09 -14.66
N THR A 23 -8.83 0.28 -15.51
CA THR A 23 -7.42 -0.06 -15.26
C THR A 23 -6.57 1.19 -15.08
N VAL A 24 -5.35 0.96 -14.59
CA VAL A 24 -4.32 1.99 -14.57
C VAL A 24 -3.10 1.41 -15.30
N LEU A 25 -2.33 2.28 -15.92
CA LEU A 25 -1.07 1.92 -16.54
C LEU A 25 0.04 2.54 -15.70
N LYS A 26 0.89 1.68 -15.13
CA LYS A 26 2.04 2.11 -14.33
C LYS A 26 3.29 1.96 -15.17
N GLN A 27 3.95 3.08 -15.43
CA GLN A 27 5.16 3.04 -16.24
C GLN A 27 6.27 2.31 -15.48
N LEU A 28 6.96 1.39 -16.15
CA LEU A 28 8.12 0.74 -15.52
C LEU A 28 9.17 1.76 -15.12
N GLN A 29 9.60 1.71 -13.87
CA GLN A 29 10.72 2.51 -13.41
C GLN A 29 12.04 2.09 -14.07
N PRO A 30 13.06 2.96 -14.04
CA PRO A 30 14.32 2.55 -14.65
C PRO A 30 14.89 1.27 -14.02
N PRO A 31 15.76 0.55 -14.73
CA PRO A 31 16.34 -0.66 -14.13
C PRO A 31 17.18 -0.35 -12.91
N PRO A 32 17.24 -1.28 -11.94
CA PRO A 32 16.60 -2.60 -11.92
C PRO A 32 15.16 -2.64 -11.41
N ARG A 33 14.64 -1.52 -10.94
CA ARG A 33 13.32 -1.49 -10.29
C ARG A 33 12.16 -1.91 -11.18
N GLY A 34 12.03 -1.29 -12.35
CA GLY A 34 10.92 -1.60 -13.25
C GLY A 34 10.89 -3.06 -13.65
N PRO A 35 12.02 -3.57 -14.14
CA PRO A 35 12.10 -4.99 -14.49
C PRO A 35 11.76 -5.94 -13.34
N ARG A 36 12.17 -5.60 -12.13
CA ARG A 36 11.86 -6.42 -10.97
C ARG A 36 10.35 -6.46 -10.70
N GLU A 37 9.70 -5.32 -10.84
CA GLU A 37 8.25 -5.23 -10.56
C GLU A 37 7.48 -6.03 -11.62
N LEU A 38 7.86 -5.87 -12.88
CA LEU A 38 7.34 -6.72 -13.94
C LEU A 38 7.49 -8.19 -13.62
N GLU A 39 8.68 -8.60 -13.23
CA GLU A 39 8.89 -10.02 -12.98
C GLU A 39 8.12 -10.52 -11.77
N PHE A 40 7.91 -9.64 -10.79
CA PHE A 40 7.09 -10.00 -9.64
C PHE A 40 5.67 -10.33 -10.09
N TYR A 41 5.06 -9.42 -10.84
CA TYR A 41 3.71 -9.66 -11.35
C TYR A 41 3.66 -10.90 -12.25
N ASN A 42 4.66 -11.07 -13.10
CA ASN A 42 4.68 -12.27 -13.98
C ASN A 42 4.73 -13.57 -13.19
N MET A 43 5.48 -13.54 -12.10
CA MET A 43 5.63 -14.71 -11.26
C MET A 43 4.31 -15.03 -10.55
N VAL A 44 3.69 -14.01 -9.95
CA VAL A 44 2.49 -14.25 -9.19
C VAL A 44 1.34 -14.69 -10.07
N TYR A 45 1.21 -14.06 -11.22
CA TYR A 45 0.07 -14.27 -12.11
C TYR A 45 0.35 -15.26 -13.23
N ALA A 46 1.46 -16.01 -13.15
CA ALA A 46 1.78 -17.03 -14.15
C ALA A 46 0.58 -17.95 -14.27
N ALA A 47 0.09 -18.16 -15.50
CA ALA A 47 -1.11 -18.96 -15.70
C ALA A 47 -0.92 -20.42 -15.26
N ASP A 48 0.32 -20.89 -15.27
CA ASP A 48 0.64 -22.26 -14.86
C ASP A 48 1.11 -22.38 -13.41
N CYS A 49 0.88 -21.33 -12.63
CA CYS A 49 1.19 -21.35 -11.19
C CYS A 49 0.21 -22.23 -10.42
N PHE A 50 0.76 -23.19 -9.66
CA PHE A 50 -0.01 -23.97 -8.70
C PHE A 50 0.49 -23.80 -7.26
N ASP A 51 1.39 -22.84 -7.05
CA ASP A 51 1.89 -22.56 -5.71
C ASP A 51 0.78 -21.89 -4.90
N GLY A 52 0.28 -22.60 -3.90
CA GLY A 52 -0.82 -22.09 -3.06
C GLY A 52 -0.57 -20.74 -2.41
N VAL A 53 0.68 -20.46 -2.07
CA VAL A 53 1.04 -19.19 -1.47
C VAL A 53 0.82 -18.05 -2.46
N LEU A 54 1.24 -18.27 -3.69
CA LEU A 54 1.11 -17.25 -4.72
C LEU A 54 -0.36 -17.11 -5.16
N LEU A 55 -1.09 -18.21 -5.23
CA LEU A 55 -2.50 -18.13 -5.62
C LEU A 55 -3.30 -17.31 -4.60
N GLU A 56 -3.01 -17.51 -3.31
CA GLU A 56 -3.64 -16.70 -2.27
C GLU A 56 -3.23 -15.24 -2.35
N LEU A 57 -1.96 -14.96 -2.64
CA LEU A 57 -1.49 -13.59 -2.73
C LEU A 57 -2.25 -12.76 -3.77
N ARG A 58 -2.66 -13.40 -4.87
CA ARG A 58 -3.40 -12.71 -5.91
C ARG A 58 -4.59 -11.92 -5.41
N LYS A 59 -5.27 -12.43 -4.39
CA LYS A 59 -6.45 -11.77 -3.81
C LYS A 59 -6.16 -10.37 -3.26
N TYR A 60 -4.92 -10.14 -2.84
CA TYR A 60 -4.54 -8.93 -2.15
C TYR A 60 -3.84 -7.91 -3.06
N LEU A 61 -3.54 -8.32 -4.31
N LEU A 61 -3.57 -8.31 -4.31
CA LEU A 61 -2.90 -7.46 -5.30
CA LEU A 61 -2.93 -7.46 -5.29
C LEU A 61 -3.94 -6.91 -6.29
C LEU A 61 -4.01 -6.80 -6.17
N PRO A 62 -3.62 -5.80 -6.96
CA PRO A 62 -4.43 -5.45 -8.12
C PRO A 62 -4.39 -6.60 -9.14
N LYS A 63 -5.50 -6.88 -9.82
CA LYS A 63 -5.48 -7.82 -10.92
C LYS A 63 -4.48 -7.30 -11.95
N TYR A 64 -3.78 -8.23 -12.56
CA TYR A 64 -2.73 -7.92 -13.50
C TYR A 64 -3.14 -8.36 -14.89
N TYR A 65 -3.02 -7.45 -15.85
CA TYR A 65 -3.39 -7.66 -17.24
C TYR A 65 -2.18 -7.73 -18.18
N GLY A 66 -1.00 -7.88 -17.60
CA GLY A 66 0.21 -8.08 -18.36
C GLY A 66 0.92 -6.79 -18.67
N ILE A 67 2.09 -6.97 -19.28
CA ILE A 67 2.81 -5.85 -19.81
C ILE A 67 2.01 -5.20 -20.92
N TRP A 68 2.19 -3.89 -21.08
CA TRP A 68 1.51 -3.17 -22.16
C TRP A 68 2.43 -2.11 -22.71
N SER A 69 2.37 -1.91 -24.02
N SER A 69 2.38 -1.88 -24.01
CA SER A 69 3.04 -0.79 -24.67
CA SER A 69 3.09 -0.77 -24.62
C SER A 69 2.08 -0.15 -25.65
C SER A 69 2.27 -0.20 -25.77
N PRO A 70 2.32 1.14 -25.99
CA PRO A 70 1.53 1.72 -27.09
C PRO A 70 1.82 0.99 -28.40
N PRO A 71 0.79 0.83 -29.26
CA PRO A 71 0.92 0.17 -30.55
C PRO A 71 2.14 0.65 -31.37
N THR A 72 2.41 1.95 -31.30
CA THR A 72 3.48 2.57 -32.10
C THR A 72 4.78 2.78 -31.32
N ALA A 73 4.84 2.28 -30.08
CA ALA A 73 6.00 2.51 -29.23
C ALA A 73 6.37 1.31 -28.34
N PRO A 74 6.94 0.23 -28.93
CA PRO A 74 7.31 -0.96 -28.11
C PRO A 74 8.36 -0.70 -27.04
N ASN A 75 9.07 0.41 -27.19
CA ASN A 75 10.01 0.87 -26.17
C ASN A 75 9.41 1.27 -24.85
N ASP A 76 8.15 1.72 -24.86
CA ASP A 76 7.57 2.38 -23.70
C ASP A 76 6.74 1.37 -22.89
N LEU A 77 7.33 0.88 -21.81
CA LEU A 77 6.80 -0.27 -21.05
C LEU A 77 5.96 0.15 -19.83
N TYR A 78 4.77 -0.43 -19.73
CA TYR A 78 3.85 -0.23 -18.60
C TYR A 78 3.32 -1.55 -18.10
N LEU A 79 2.87 -1.54 -16.85
CA LEU A 79 2.09 -2.62 -16.30
C LEU A 79 0.63 -2.19 -16.36
N LYS A 80 -0.23 -3.06 -16.85
CA LYS A 80 -1.66 -2.78 -16.88
C LYS A 80 -2.26 -3.46 -15.68
N LEU A 81 -2.81 -2.65 -14.78
CA LEU A 81 -3.32 -3.13 -13.50
C LEU A 81 -4.76 -2.68 -13.30
N GLU A 82 -5.52 -3.48 -12.55
CA GLU A 82 -6.81 -3.06 -11.98
C GLU A 82 -6.71 -1.72 -11.26
N ASP A 83 -7.62 -0.80 -11.55
CA ASP A 83 -7.75 0.45 -10.80
C ASP A 83 -8.61 0.10 -9.59
N VAL A 84 -7.94 0.00 -8.43
CA VAL A 84 -8.55 -0.40 -7.17
C VAL A 84 -9.63 0.57 -6.70
N THR A 85 -9.63 1.78 -7.26
CA THR A 85 -10.60 2.81 -6.89
C THR A 85 -11.86 2.83 -7.79
N HIS A 86 -11.88 2.04 -8.86
CA HIS A 86 -12.88 2.15 -9.90
C HIS A 86 -14.33 1.98 -9.44
N LYS A 87 -14.57 1.09 -8.48
CA LYS A 87 -15.95 0.80 -8.06
C LYS A 87 -16.58 1.81 -7.10
N PHE A 88 -15.80 2.83 -6.74
CA PHE A 88 -16.20 3.84 -5.77
C PHE A 88 -16.74 5.11 -6.44
N ASN A 89 -17.64 5.79 -5.75
CA ASN A 89 -18.20 7.07 -6.24
C ASN A 89 -17.24 8.23 -5.88
N LYS A 90 -16.97 8.37 -4.59
CA LYS A 90 -16.05 9.37 -4.09
C LYS A 90 -14.95 8.66 -3.28
N PRO A 91 -14.00 8.02 -3.96
CA PRO A 91 -13.00 7.22 -3.25
C PRO A 91 -12.10 8.10 -2.37
N CYS A 92 -11.96 7.69 -1.12
CA CYS A 92 -10.94 8.27 -0.24
C CYS A 92 -9.80 7.28 -0.26
N ILE A 93 -8.59 7.79 -0.48
CA ILE A 93 -7.44 6.94 -0.82
C ILE A 93 -6.28 7.32 0.09
N MET A 94 -5.62 6.31 0.65
CA MET A 94 -4.38 6.53 1.39
C MET A 94 -3.37 5.46 1.02
N ASP A 95 -2.12 5.87 0.79
CA ASP A 95 -1.05 4.94 0.48
C ASP A 95 -0.15 4.95 1.70
N VAL A 96 0.10 3.78 2.24
CA VAL A 96 0.99 3.58 3.40
C VAL A 96 2.10 2.59 3.07
N LYS A 97 3.33 3.07 3.17
CA LYS A 97 4.50 2.23 2.96
C LYS A 97 4.68 1.38 4.22
N ILE A 98 4.92 0.11 4.03
CA ILE A 98 5.01 -0.85 5.14
C ILE A 98 6.44 -1.39 5.29
N GLY A 99 6.89 -1.49 6.53
CA GLY A 99 8.13 -2.17 6.90
C GLY A 99 9.02 -1.32 7.80
N GLN A 100 10.03 -1.95 8.35
CA GLN A 100 11.00 -1.26 9.16
C GLN A 100 12.12 -0.66 8.34
N LYS A 101 12.36 -1.24 7.17
CA LYS A 101 13.41 -0.81 6.26
C LYS A 101 12.77 -0.53 4.92
N SER A 102 13.04 0.66 4.37
CA SER A 102 12.59 1.02 3.04
C SER A 102 13.70 0.92 1.98
N TYR A 103 14.81 0.32 2.38
CA TYR A 103 15.90 -0.02 1.46
C TYR A 103 15.96 -1.54 1.38
N ASP A 104 16.49 -2.04 0.27
CA ASP A 104 16.50 -3.48 0.05
C ASP A 104 17.88 -4.10 0.37
N PRO A 105 17.99 -5.44 0.28
CA PRO A 105 19.20 -6.14 0.70
C PRO A 105 20.45 -5.79 -0.11
N PHE A 106 20.28 -5.13 -1.24
CA PHE A 106 21.38 -4.80 -2.13
C PHE A 106 21.66 -3.32 -2.23
N ALA A 107 21.02 -2.54 -1.37
CA ALA A 107 21.23 -1.08 -1.33
C ALA A 107 22.67 -0.73 -0.94
N SER A 108 23.20 0.31 -1.59
CA SER A 108 24.49 0.87 -1.24
C SER A 108 24.41 1.60 0.09
N SER A 109 25.55 1.98 0.64
CA SER A 109 25.56 2.77 1.87
C SER A 109 24.83 4.11 1.69
N GLU A 110 25.01 4.72 0.52
CA GLU A 110 24.38 6.00 0.20
C GLU A 110 22.87 5.88 0.10
N LYS A 111 22.42 4.84 -0.61
CA LYS A 111 20.98 4.57 -0.71
C LYS A 111 20.39 4.26 0.65
N ILE A 112 21.09 3.48 1.48
CA ILE A 112 20.57 3.18 2.81
C ILE A 112 20.42 4.49 3.58
N GLN A 113 21.46 5.32 3.55
CA GLN A 113 21.39 6.64 4.19
C GLN A 113 20.29 7.54 3.67
N GLN A 114 20.11 7.56 2.34
CA GLN A 114 19.01 8.32 1.74
C GLN A 114 17.69 7.86 2.30
N GLN A 115 17.46 6.56 2.26
CA GLN A 115 16.15 6.04 2.63
C GLN A 115 15.89 6.20 4.09
N VAL A 116 16.89 5.96 4.95
CA VAL A 116 16.66 6.18 6.36
C VAL A 116 16.45 7.67 6.65
N SER A 117 17.19 8.56 5.99
CA SER A 117 17.02 10.00 6.17
C SER A 117 15.66 10.53 5.71
N LYS A 118 15.01 9.83 4.76
CA LYS A 118 13.68 10.24 4.31
C LYS A 118 12.70 10.08 5.45
N TYR A 119 12.91 9.09 6.31
CA TYR A 119 12.07 8.89 7.46
C TYR A 119 12.77 8.04 8.51
N PRO A 120 13.50 8.69 9.41
CA PRO A 120 14.32 7.92 10.33
C PRO A 120 13.55 7.18 11.40
N LEU A 121 12.23 7.40 11.44
CA LEU A 121 11.34 6.68 12.35
C LEU A 121 10.78 5.36 11.78
N MET A 122 11.23 4.95 10.60
N MET A 122 11.22 4.95 10.61
CA MET A 122 10.67 3.77 9.96
CA MET A 122 10.65 3.77 9.97
C MET A 122 10.88 2.51 10.82
C MET A 122 10.87 2.50 10.82
N GLU A 123 12.06 2.38 11.41
CA GLU A 123 12.36 1.22 12.22
C GLU A 123 11.44 1.14 13.43
N GLU A 124 11.15 2.31 14.02
CA GLU A 124 10.35 2.39 15.24
C GLU A 124 8.86 2.26 14.96
N ILE A 125 8.40 2.84 13.86
CA ILE A 125 6.95 2.85 13.61
C ILE A 125 6.54 1.71 12.67
N GLY A 126 7.34 1.44 11.65
CA GLY A 126 7.09 0.28 10.77
C GLY A 126 6.15 0.57 9.61
N PHE A 127 5.78 1.83 9.48
CA PHE A 127 4.96 2.29 8.39
C PHE A 127 5.09 3.80 8.23
N LEU A 128 4.78 4.26 7.03
CA LEU A 128 4.90 5.67 6.67
C LEU A 128 3.79 6.03 5.72
N VAL A 129 3.00 7.04 6.09
CA VAL A 129 1.94 7.50 5.20
C VAL A 129 2.57 8.29 4.07
N LEU A 130 2.32 7.84 2.83
CA LEU A 130 2.89 8.50 1.65
C LEU A 130 2.01 9.62 1.14
N GLY A 131 0.70 9.47 1.35
CA GLY A 131 -0.23 10.49 0.94
C GLY A 131 -1.65 10.06 1.19
N MET A 132 -2.55 11.01 1.18
CA MET A 132 -3.98 10.69 1.28
C MET A 132 -4.81 11.71 0.55
N ARG A 133 -5.98 11.28 0.12
CA ARG A 133 -6.97 12.14 -0.50
C ARG A 133 -8.29 11.79 0.16
N VAL A 134 -8.89 12.76 0.84
CA VAL A 134 -10.08 12.51 1.67
C VAL A 134 -11.25 13.36 1.20
N TYR A 135 -12.38 12.72 0.96
CA TYR A 135 -13.59 13.44 0.60
C TYR A 135 -14.24 14.09 1.83
N HIS A 136 -14.53 15.38 1.72
CA HIS A 136 -15.22 16.13 2.77
C HIS A 136 -16.68 16.38 2.35
N VAL A 137 -17.59 15.76 3.07
CA VAL A 137 -19.00 15.72 2.68
C VAL A 137 -19.63 17.12 2.61
N HIS A 138 -19.35 17.97 3.61
CA HIS A 138 -20.00 19.29 3.70
C HIS A 138 -19.70 20.18 2.49
N SER A 139 -18.49 20.07 1.95
CA SER A 139 -18.08 20.92 0.82
C SER A 139 -17.98 20.18 -0.51
N ASP A 140 -18.30 18.89 -0.52
CA ASP A 140 -18.24 18.07 -1.73
C ASP A 140 -16.89 18.28 -2.42
N SER A 141 -15.83 18.18 -1.62
CA SER A 141 -14.49 18.46 -2.13
C SER A 141 -13.52 17.53 -1.44
N TYR A 142 -12.32 17.44 -2.02
CA TYR A 142 -11.25 16.62 -1.47
C TYR A 142 -10.17 17.45 -0.78
N GLU A 143 -9.66 16.94 0.33
CA GLU A 143 -8.44 17.47 0.96
C GLU A 143 -7.34 16.44 0.79
N THR A 144 -6.16 16.92 0.38
CA THR A 144 -5.03 16.06 0.11
C THR A 144 -3.86 16.35 1.01
N GLU A 145 -3.11 15.31 1.31
CA GLU A 145 -1.84 15.44 1.99
C GLU A 145 -0.77 14.79 1.14
N ASN A 146 0.42 15.40 1.12
CA ASN A 146 1.51 14.92 0.30
C ASN A 146 2.52 14.14 1.16
N GLN A 147 3.67 13.80 0.57
CA GLN A 147 4.62 12.95 1.26
C GLN A 147 5.19 13.60 2.52
N HIS A 148 5.20 14.93 2.58
CA HIS A 148 5.78 15.60 3.75
C HIS A 148 4.88 15.49 4.97
N TYR A 149 3.59 15.20 4.76
CA TYR A 149 2.67 15.01 5.89
C TYR A 149 3.06 13.79 6.71
N GLY A 150 3.14 12.63 6.07
CA GLY A 150 3.49 11.40 6.78
C GLY A 150 4.90 11.40 7.34
N ARG A 151 5.81 12.00 6.60
CA ARG A 151 7.23 12.11 7.05
C ARG A 151 7.37 13.03 8.26
N SER A 152 6.35 13.86 8.51
N SER A 152 6.35 13.86 8.53
CA SER A 152 6.35 14.74 9.69
CA SER A 152 6.39 14.70 9.74
C SER A 152 5.71 14.11 10.92
C SER A 152 5.92 13.98 10.99
N LEU A 153 5.19 12.88 10.80
CA LEU A 153 4.53 12.23 11.93
C LEU A 153 5.51 11.49 12.82
N THR A 154 5.26 11.61 14.11
CA THR A 154 6.06 11.00 15.14
C THR A 154 5.21 10.05 15.93
N LYS A 155 5.83 9.37 16.87
CA LYS A 155 5.11 8.50 17.77
C LYS A 155 3.96 9.22 18.47
N GLU A 156 4.21 10.47 18.89
CA GLU A 156 3.18 11.27 19.58
C GLU A 156 2.02 11.64 18.65
N THR A 157 2.25 11.73 17.35
CA THR A 157 1.24 12.25 16.43
C THR A 157 0.72 11.24 15.41
N ILE A 158 1.22 10.01 15.46
N ILE A 158 1.24 10.01 15.37
CA ILE A 158 0.89 9.02 14.44
CA ILE A 158 0.81 9.10 14.31
C ILE A 158 -0.59 8.65 14.46
C ILE A 158 -0.67 8.75 14.42
N LYS A 159 -1.19 8.60 15.65
CA LYS A 159 -2.60 8.18 15.78
C LYS A 159 -3.49 9.25 15.12
N ASP A 160 -3.29 10.51 15.50
CA ASP A 160 -4.08 11.57 14.91
C ASP A 160 -3.77 11.74 13.42
N GLY A 161 -2.53 11.49 13.03
CA GLY A 161 -2.14 11.55 11.64
C GLY A 161 -2.89 10.59 10.76
N VAL A 162 -3.02 9.36 11.23
CA VAL A 162 -3.77 8.31 10.53
C VAL A 162 -5.27 8.59 10.59
N SER A 163 -5.77 9.02 11.73
N SER A 163 -5.76 9.02 11.75
N SER A 163 -5.76 9.02 11.74
CA SER A 163 -7.21 9.22 11.90
CA SER A 163 -7.18 9.31 11.94
CA SER A 163 -7.20 9.24 11.90
C SER A 163 -7.77 10.33 10.98
C SER A 163 -7.71 10.24 10.88
C SER A 163 -7.76 10.29 10.95
N ARG A 164 -6.91 11.24 10.54
CA ARG A 164 -7.30 12.24 9.55
C ARG A 164 -7.88 11.62 8.28
N PHE A 165 -7.32 10.49 7.85
CA PHE A 165 -7.79 9.83 6.64
C PHE A 165 -9.29 9.46 6.72
N PHE A 166 -9.74 9.15 7.93
CA PHE A 166 -11.09 8.62 8.18
C PHE A 166 -12.07 9.68 8.65
N HIS A 167 -11.68 10.95 8.62
CA HIS A 167 -12.55 12.02 9.08
C HIS A 167 -13.05 12.81 7.90
N ASN A 168 -14.37 12.87 7.73
CA ASN A 168 -14.96 13.43 6.53
C ASN A 168 -15.43 14.88 6.69
N GLY A 169 -14.96 15.54 7.74
CA GLY A 169 -15.32 16.92 8.04
C GLY A 169 -16.43 17.03 9.07
N TYR A 170 -17.23 15.99 9.23
CA TYR A 170 -18.22 16.03 10.29
C TYR A 170 -18.18 14.84 11.26
N CYS A 171 -17.66 13.70 10.83
CA CYS A 171 -17.51 12.58 11.75
C CYS A 171 -16.35 11.70 11.34
N LEU A 172 -15.93 10.88 12.30
CA LEU A 172 -14.94 9.85 12.09
C LEU A 172 -15.62 8.59 11.56
N ARG A 173 -15.13 8.08 10.44
CA ARG A 173 -15.71 6.91 9.78
C ARG A 173 -15.18 5.62 10.41
N LYS A 174 -15.69 5.28 11.58
CA LYS A 174 -15.21 4.11 12.31
C LYS A 174 -15.54 2.83 11.57
N ASP A 175 -16.60 2.86 10.74
CA ASP A 175 -16.89 1.70 9.89
C ASP A 175 -15.70 1.37 8.99
N ALA A 176 -15.11 2.40 8.38
CA ALA A 176 -14.00 2.20 7.48
C ALA A 176 -12.72 1.80 8.24
N VAL A 177 -12.55 2.36 9.44
CA VAL A 177 -11.44 1.93 10.31
C VAL A 177 -11.53 0.44 10.65
N ALA A 178 -12.71 -0.02 11.08
CA ALA A 178 -12.86 -1.42 11.46
C ALA A 178 -12.70 -2.33 10.25
N ALA A 179 -13.29 -1.95 9.13
CA ALA A 179 -13.16 -2.72 7.90
C ALA A 179 -11.69 -2.85 7.51
N SER A 180 -10.95 -1.75 7.66
CA SER A 180 -9.52 -1.69 7.35
C SER A 180 -8.72 -2.66 8.22
N ILE A 181 -9.00 -2.69 9.52
CA ILE A 181 -8.37 -3.67 10.38
C ILE A 181 -8.63 -5.08 9.91
N GLN A 182 -9.89 -5.38 9.59
CA GLN A 182 -10.25 -6.73 9.20
C GLN A 182 -9.55 -7.16 7.92
N LYS A 183 -9.41 -6.25 6.97
CA LYS A 183 -8.72 -6.59 5.71
C LYS A 183 -7.21 -6.68 5.89
N ILE A 184 -6.63 -5.81 6.70
CA ILE A 184 -5.20 -5.91 6.99
C ILE A 184 -4.90 -7.22 7.69
N GLU A 185 -5.79 -7.67 8.57
CA GLU A 185 -5.59 -8.93 9.28
C GLU A 185 -5.43 -10.12 8.30
N LYS A 186 -6.20 -10.14 7.21
CA LYS A 186 -6.05 -11.23 6.23
C LYS A 186 -4.71 -11.18 5.51
N ILE A 187 -4.25 -9.98 5.22
CA ILE A 187 -2.89 -9.80 4.67
C ILE A 187 -1.83 -10.27 5.67
N LEU A 188 -2.00 -9.90 6.94
N LEU A 188 -2.00 -9.89 6.93
CA LEU A 188 -1.06 -10.37 7.96
CA LEU A 188 -1.12 -10.34 8.00
C LEU A 188 -1.05 -11.89 8.02
C LEU A 188 -1.07 -11.87 8.06
N GLN A 189 -2.23 -12.53 7.93
CA GLN A 189 -2.27 -13.98 7.93
C GLN A 189 -1.49 -14.60 6.78
N TRP A 190 -1.58 -13.99 5.60
CA TRP A 190 -0.83 -14.46 4.43
C TRP A 190 0.65 -14.40 4.75
N PHE A 191 1.09 -13.26 5.28
CA PHE A 191 2.51 -13.08 5.65
C PHE A 191 2.97 -14.07 6.70
N GLU A 192 2.10 -14.43 7.63
CA GLU A 192 2.49 -15.39 8.67
C GLU A 192 2.52 -16.83 8.19
N ASN A 193 2.06 -17.06 6.97
CA ASN A 193 2.04 -18.37 6.35
C ASN A 193 2.88 -18.48 5.06
N GLN A 194 3.87 -17.60 4.90
CA GLN A 194 4.81 -17.77 3.79
C GLN A 194 6.20 -17.33 4.23
N LYS A 195 7.22 -18.03 3.73
CA LYS A 195 8.63 -17.65 3.98
C LYS A 195 9.38 -17.70 2.66
N GLN A 196 8.78 -17.15 1.61
CA GLN A 196 9.43 -17.18 0.30
C GLN A 196 9.62 -15.82 -0.36
N LEU A 197 9.00 -14.78 0.19
CA LEU A 197 9.13 -13.40 -0.33
C LEU A 197 9.28 -12.38 0.77
N ASN A 198 10.22 -11.45 0.63
CA ASN A 198 10.32 -10.29 1.52
C ASN A 198 10.10 -9.02 0.70
N PHE A 199 9.34 -8.09 1.26
CA PHE A 199 8.84 -6.91 0.57
C PHE A 199 9.40 -5.66 1.21
N TYR A 200 10.17 -4.91 0.45
CA TYR A 200 10.71 -3.61 0.91
C TYR A 200 10.13 -2.48 0.08
N ALA A 201 9.85 -1.35 0.73
CA ALA A 201 9.34 -0.16 0.03
C ALA A 201 8.03 -0.40 -0.70
N SER A 202 7.29 -1.41 -0.26
N SER A 202 7.28 -1.38 -0.22
CA SER A 202 5.96 -1.68 -0.81
CA SER A 202 5.99 -1.72 -0.76
C SER A 202 4.91 -1.10 0.12
C SER A 202 4.95 -0.96 0.05
N SER A 203 3.71 -0.95 -0.43
CA SER A 203 2.65 -0.20 0.24
C SER A 203 1.33 -0.97 0.35
N LEU A 204 0.51 -0.50 1.27
CA LEU A 204 -0.91 -0.83 1.24
C LEU A 204 -1.65 0.40 0.75
N LEU A 205 -2.59 0.15 -0.15
CA LEU A 205 -3.48 1.18 -0.66
C LEU A 205 -4.85 0.95 -0.01
N PHE A 206 -5.31 1.95 0.74
CA PHE A 206 -6.59 1.94 1.43
C PHE A 206 -7.56 2.77 0.65
N VAL A 207 -8.77 2.24 0.42
CA VAL A 207 -9.79 3.02 -0.26
C VAL A 207 -11.09 2.78 0.49
N TYR A 208 -11.84 3.84 0.77
CA TYR A 208 -13.21 3.69 1.27
C TYR A 208 -14.11 4.67 0.54
N GLU A 209 -15.40 4.49 0.71
CA GLU A 209 -16.36 5.30 -0.02
C GLU A 209 -16.69 6.54 0.79
N GLY A 210 -16.36 7.71 0.24
CA GLY A 210 -16.63 8.97 0.91
C GLY A 210 -18.09 9.44 0.86
N SER A 211 -18.82 9.04 -0.18
CA SER A 211 -20.18 9.60 -0.40
C SER A 211 -21.16 9.00 0.58
N GLY A 215 -28.00 4.55 3.08
CA GLY A 215 -26.70 4.96 3.59
C GLY A 215 -25.83 3.77 3.95
N SER A 216 -25.43 3.00 2.95
CA SER A 216 -24.66 1.79 3.15
C SER A 216 -23.38 1.77 2.36
N GLY A 217 -22.74 2.93 2.25
CA GLY A 217 -21.44 3.01 1.60
C GLY A 217 -20.36 2.30 2.42
N GLY A 218 -20.49 0.98 2.56
CA GLY A 218 -19.53 0.19 3.34
C GLY A 218 -18.40 -0.47 2.57
N GLU A 219 -18.30 -0.21 1.25
CA GLU A 219 -17.23 -0.77 0.42
C GLU A 219 -15.87 -0.26 0.91
N VAL A 220 -14.91 -1.17 1.08
CA VAL A 220 -13.54 -0.80 1.46
C VAL A 220 -12.59 -1.73 0.73
N GLU A 221 -11.46 -1.18 0.30
CA GLU A 221 -10.41 -1.99 -0.31
C GLU A 221 -9.13 -1.74 0.44
N VAL A 222 -8.36 -2.80 0.64
CA VAL A 222 -6.97 -2.66 1.11
C VAL A 222 -6.18 -3.60 0.23
N ARG A 223 -5.31 -3.04 -0.59
CA ARG A 223 -4.52 -3.85 -1.51
C ARG A 223 -3.04 -3.53 -1.38
N MET A 224 -2.22 -4.55 -1.60
CA MET A 224 -0.79 -4.41 -1.67
C MET A 224 -0.41 -3.86 -3.04
N ILE A 225 0.45 -2.84 -3.07
CA ILE A 225 0.99 -2.31 -4.31
C ILE A 225 2.50 -1.97 -4.19
N ASP A 226 3.12 -1.74 -5.35
CA ASP A 226 4.48 -1.18 -5.49
C ASP A 226 5.55 -2.23 -5.16
N PHE A 227 5.98 -2.99 -6.17
CA PHE A 227 6.74 -4.20 -5.96
C PHE A 227 8.12 -4.16 -6.63
N ALA A 228 8.69 -2.98 -6.70
CA ALA A 228 10.04 -2.80 -7.26
C ALA A 228 11.16 -3.36 -6.38
N HIS A 229 10.85 -3.67 -5.11
CA HIS A 229 11.85 -4.20 -4.18
C HIS A 229 11.37 -5.42 -3.41
N VAL A 230 10.79 -6.38 -4.12
CA VAL A 230 10.43 -7.67 -3.56
C VAL A 230 11.46 -8.70 -3.95
N PHE A 231 11.90 -9.49 -2.98
CA PHE A 231 12.99 -10.42 -3.15
C PHE A 231 12.64 -11.79 -2.62
N PRO A 232 13.19 -12.83 -3.24
CA PRO A 232 13.07 -14.16 -2.65
C PRO A 232 13.73 -14.18 -1.29
N SER A 233 13.19 -14.99 -0.40
N SER A 233 13.20 -15.02 -0.41
CA SER A 233 13.69 -15.08 0.97
CA SER A 233 13.68 -15.10 0.96
C SER A 233 13.46 -16.49 1.51
C SER A 233 13.52 -16.52 1.48
N ASN A 234 14.06 -16.76 2.67
CA ASN A 234 13.87 -18.02 3.38
C ASN A 234 13.32 -17.79 4.78
N THR A 235 12.92 -16.56 5.08
CA THR A 235 12.47 -16.16 6.41
C THR A 235 11.11 -15.51 6.26
N ILE A 236 10.37 -15.49 7.37
CA ILE A 236 9.22 -14.60 7.51
C ILE A 236 9.69 -13.18 7.23
N ASP A 237 8.85 -12.35 6.61
CA ASP A 237 9.15 -10.94 6.43
C ASP A 237 8.84 -10.19 7.74
N GLU A 238 9.81 -10.16 8.65
CA GLU A 238 9.56 -9.68 10.02
C GLU A 238 9.26 -8.19 10.09
N GLY A 239 9.95 -7.39 9.29
CA GLY A 239 9.68 -5.97 9.24
C GLY A 239 8.31 -5.62 8.73
N TYR A 240 7.84 -6.39 7.74
CA TYR A 240 6.50 -6.18 7.18
C TYR A 240 5.45 -6.53 8.23
N VAL A 241 5.61 -7.70 8.85
CA VAL A 241 4.70 -8.14 9.90
C VAL A 241 4.64 -7.09 11.03
N TYR A 242 5.79 -6.60 11.48
N TYR A 242 5.80 -6.58 11.50
CA TYR A 242 5.86 -5.55 12.51
CA TYR A 242 5.81 -5.52 12.54
C TYR A 242 5.10 -4.28 12.14
C TYR A 242 4.98 -4.33 12.10
N GLY A 243 5.21 -3.87 10.87
CA GLY A 243 4.48 -2.72 10.40
C GLY A 243 2.97 -2.92 10.35
N LEU A 244 2.55 -4.09 9.90
CA LEU A 244 1.11 -4.41 9.86
C LEU A 244 0.52 -4.46 11.25
N LYS A 245 1.22 -5.10 12.18
CA LYS A 245 0.78 -5.18 13.58
C LYS A 245 0.69 -3.81 14.20
N HIS A 246 1.70 -2.95 13.96
CA HIS A 246 1.63 -1.62 14.51
C HIS A 246 0.51 -0.81 13.89
N LEU A 247 0.32 -0.93 12.58
CA LEU A 247 -0.77 -0.22 11.92
C LEU A 247 -2.15 -0.65 12.47
N ILE A 248 -2.33 -1.95 12.66
CA ILE A 248 -3.54 -2.51 13.25
C ILE A 248 -3.76 -1.94 14.67
N SER A 249 -2.68 -1.85 15.45
N SER A 249 -2.70 -1.82 15.46
CA SER A 249 -2.72 -1.31 16.81
CA SER A 249 -2.85 -1.31 16.82
C SER A 249 -3.20 0.14 16.79
C SER A 249 -3.21 0.18 16.82
N VAL A 250 -2.66 0.94 15.87
CA VAL A 250 -3.05 2.32 15.73
C VAL A 250 -4.53 2.44 15.34
N LEU A 251 -4.93 1.70 14.31
CA LEU A 251 -6.34 1.72 13.90
C LEU A 251 -7.25 1.25 15.02
N ARG A 252 -6.86 0.22 15.74
CA ARG A 252 -7.67 -0.23 16.87
C ARG A 252 -7.89 0.87 17.91
N SER A 253 -6.84 1.63 18.25
N SER A 253 -6.83 1.61 18.21
CA SER A 253 -7.00 2.75 19.20
CA SER A 253 -6.93 2.72 19.14
C SER A 253 -7.95 3.80 18.66
C SER A 253 -7.90 3.80 18.66
N ILE A 254 -7.95 4.01 17.35
CA ILE A 254 -8.84 4.99 16.74
C ILE A 254 -10.32 4.59 16.94
N LEU A 255 -10.59 3.29 17.02
CA LEU A 255 -11.94 2.83 17.32
C LEU A 255 -12.46 3.25 18.69
N ASP A 256 -11.56 3.64 19.61
CA ASP A 256 -11.95 4.10 20.94
C ASP A 256 -12.18 5.63 21.04
N ASN A 257 -12.02 6.36 19.94
CA ASN A 257 -12.13 7.83 19.93
C ASN A 257 -13.50 8.35 20.36
MG MG B . 4.74 3.92 -4.28
MG MG C . 7.85 2.54 -5.63
PB ADP D . 5.71 4.48 -7.25
O1B ADP D . 6.62 3.29 -7.51
O2B ADP D . 5.93 5.61 -8.23
O3B ADP D . 5.70 4.86 -5.80
PA ADP D . 3.04 3.25 -7.05
O1A ADP D . 2.89 1.85 -7.60
O2A ADP D . 3.21 3.42 -5.56
O3A ADP D . 4.26 3.98 -7.80
O5' ADP D . 1.78 4.17 -7.45
C5' ADP D . 1.71 5.55 -7.05
C4' ADP D . 0.29 5.92 -6.67
O4' ADP D . -0.63 5.58 -7.72
C3' ADP D . -0.23 5.18 -5.46
O3' ADP D . 0.06 5.88 -4.26
C2' ADP D . -1.71 5.07 -5.69
O2' ADP D . -2.41 6.24 -5.22
C1' ADP D . -1.83 5.01 -7.20
N9 ADP D . -1.98 3.60 -7.65
C8 ADP D . -1.00 2.73 -7.93
N7 ADP D . -1.48 1.54 -8.32
C5 ADP D . -2.81 1.64 -8.28
C6 ADP D . -3.90 0.72 -8.57
N6 ADP D . -3.61 -0.53 -8.98
N1 ADP D . -5.16 1.20 -8.43
C2 ADP D . -5.41 2.47 -8.03
N3 ADP D . -4.44 3.36 -7.73
C4 ADP D . -3.15 2.99 -7.84
C1 I3P E . 11.62 9.04 -3.05
C2 I3P E . 10.86 7.97 -2.26
C3 I3P E . 10.79 6.70 -3.12
C4 I3P E . 12.20 6.22 -3.49
C5 I3P E . 13.00 7.31 -4.19
C6 I3P E . 13.03 8.58 -3.35
O1 I3P E . 11.65 10.28 -2.33
O2 I3P E . 11.51 7.68 -1.02
O3 I3P E . 10.06 5.69 -2.41
O4 I3P E . 12.13 5.11 -4.38
O5 I3P E . 14.31 6.84 -4.44
O6 I3P E . 13.73 9.61 -4.05
P1 I3P E . 10.56 11.41 -2.66
O11 I3P E . 9.24 10.65 -2.65
O12 I3P E . 11.00 11.94 -4.02
O13 I3P E . 10.71 12.42 -1.56
P4 I3P E . 12.37 3.58 -3.92
O41 I3P E . 12.21 2.77 -5.19
O42 I3P E . 11.24 3.35 -2.94
O43 I3P E . 13.75 3.56 -3.34
P5 I3P E . 15.12 7.15 -5.81
O51 I3P E . 14.15 6.79 -6.92
O52 I3P E . 16.33 6.26 -5.75
O53 I3P E . 15.44 8.63 -5.70
#